data_7PCE
#
_entry.id   7PCE
#
_cell.length_a   61.340
_cell.length_b   61.340
_cell.length_c   190.040
_cell.angle_alpha   90.000
_cell.angle_beta   90.000
_cell.angle_gamma   120.000
#
_symmetry.space_group_name_H-M   'P 31 2 1'
#
loop_
_entity.id
_entity.type
_entity.pdbx_description
1 polymer 'Ketol-acid reductoisomerase'
2 non-polymer "ADENOSINE-5'-DIPHOSPHATE"
3 non-polymer 'PHOSPHATE ION'
#
_entity_poly.entity_id   1
_entity_poly.type   'polypeptide(L)'
_entity_poly.pdbx_seq_one_letter_code
;GSHMASNDLIYQDEHASLQPLEGRTVAVIGYGIQGRAFAANLRDSGVAVRVGNIDDRYFELARAEGHRVTNIAEAVAHAD
IVLLLIPDEAHGAVFDVDIAPNLRDGALLCVAHGHSLVQGDVRPLPGRDLAMLAPRMYGDPIRRYYLAGQGAPAYFDIVA
DHTGRARDRVLAIARAVGFTRAGVMALGYRQETFLDLFQEQFLAPALVDLVETGFQVLVERGFNPKAALLEVYGSGEMGK
MMLDGADIGLDEVVALQGSPTCQVGYHRWRGRTLPTAVRELAARVLDQIEGGDFSAYLKEQASNDYASLDDARRAALKRP
LNVAHAQVRAAFRFPTEAAGGLYQAAQAPADVEPEAAR
;
_entity_poly.pdbx_strand_id   A
#
# COMPACT_ATOMS: atom_id res chain seq x y z
N ASP A 8 -12.29 -4.24 19.17
CA ASP A 8 -11.27 -3.67 18.24
C ASP A 8 -10.35 -2.73 19.02
N LEU A 9 -9.06 -2.72 18.66
CA LEU A 9 -7.97 -1.99 19.37
C LEU A 9 -7.34 -0.97 18.41
N ILE A 10 -7.69 0.31 18.56
CA ILE A 10 -7.29 1.42 17.65
C ILE A 10 -6.62 2.54 18.47
N TYR A 11 -5.32 2.76 18.24
CA TYR A 11 -4.47 3.75 18.94
C TYR A 11 -4.41 5.05 18.15
N GLN A 12 -4.45 6.19 18.85
CA GLN A 12 -4.33 7.56 18.27
C GLN A 12 -3.21 8.31 19.01
N ASP A 13 -2.96 9.58 18.65
CA ASP A 13 -1.86 10.42 19.18
C ASP A 13 -1.84 10.34 20.72
N GLU A 14 -3.01 10.41 21.36
CA GLU A 14 -3.16 10.43 22.85
C GLU A 14 -2.67 9.10 23.46
N HIS A 15 -2.82 7.98 22.74
CA HIS A 15 -2.52 6.60 23.23
C HIS A 15 -1.08 6.19 22.86
N ALA A 16 -0.36 7.03 22.11
CA ALA A 16 1.03 6.79 21.65
C ALA A 16 1.94 7.93 22.13
N SER A 17 3.23 7.64 22.30
CA SER A 17 4.26 8.58 22.82
C SER A 17 5.52 8.54 21.94
N LEU A 18 6.20 9.69 21.80
CA LEU A 18 7.49 9.81 21.06
C LEU A 18 8.67 9.45 21.99
N GLN A 19 8.41 9.26 23.29
CA GLN A 19 9.45 9.00 24.32
C GLN A 19 10.32 7.79 23.93
N PRO A 20 9.73 6.64 23.54
CA PRO A 20 10.52 5.44 23.23
C PRO A 20 11.58 5.62 22.11
N LEU A 21 11.52 6.71 21.35
CA LEU A 21 12.46 7.01 20.23
C LEU A 21 13.57 7.98 20.68
N GLU A 22 13.42 8.63 21.85
CA GLU A 22 14.41 9.62 22.35
C GLU A 22 15.77 8.94 22.51
N GLY A 23 16.81 9.50 21.89
CA GLY A 23 18.19 9.00 21.96
C GLY A 23 18.40 7.71 21.20
N ARG A 24 17.42 7.29 20.39
CA ARG A 24 17.46 6.06 19.56
C ARG A 24 17.64 6.43 18.09
N THR A 25 18.30 5.56 17.32
CA THR A 25 18.57 5.74 15.87
C THR A 25 17.65 4.81 15.08
N VAL A 26 16.82 5.38 14.18
CA VAL A 26 15.95 4.61 13.24
C VAL A 26 16.69 4.50 11.89
N ALA A 27 16.86 3.28 11.38
CA ALA A 27 17.42 2.99 10.05
C ALA A 27 16.28 2.72 9.06
N VAL A 28 16.18 3.53 8.01
CA VAL A 28 15.22 3.34 6.88
C VAL A 28 15.97 2.64 5.75
N ILE A 29 15.66 1.36 5.51
CA ILE A 29 16.19 0.56 4.36
C ILE A 29 15.33 0.87 3.14
N GLY A 30 15.93 1.42 2.08
CA GLY A 30 15.23 1.88 0.86
C GLY A 30 14.95 3.37 0.92
N TYR A 31 14.88 4.02 -0.25
CA TYR A 31 14.59 5.47 -0.40
C TYR A 31 13.72 5.69 -1.64
N GLY A 32 12.78 4.78 -1.90
CA GLY A 32 11.79 4.88 -2.99
C GLY A 32 10.66 5.83 -2.63
N ILE A 33 9.44 5.52 -3.06
CA ILE A 33 8.23 6.34 -2.74
C ILE A 33 7.86 6.10 -1.27
N GLN A 34 7.94 4.86 -0.78
CA GLN A 34 7.71 4.48 0.63
C GLN A 34 8.83 5.07 1.51
N GLY A 35 10.08 4.68 1.24
CA GLY A 35 11.25 4.98 2.07
C GLY A 35 11.44 6.48 2.29
N ARG A 36 11.34 7.28 1.23
CA ARG A 36 11.60 8.75 1.25
C ARG A 36 10.56 9.45 2.13
N ALA A 37 9.32 8.97 2.12
CA ALA A 37 8.18 9.54 2.88
C ALA A 37 8.40 9.33 4.39
N PHE A 38 8.64 8.09 4.80
CA PHE A 38 8.96 7.70 6.21
C PHE A 38 10.14 8.53 6.71
N ALA A 39 11.25 8.49 5.96
CA ALA A 39 12.53 9.19 6.28
C ALA A 39 12.27 10.69 6.51
N ALA A 40 11.47 11.31 5.64
CA ALA A 40 11.17 12.77 5.66
C ALA A 40 10.35 13.12 6.91
N ASN A 41 9.35 12.30 7.26
CA ASN A 41 8.44 12.53 8.41
C ASN A 41 9.20 12.33 9.73
N LEU A 42 9.90 11.20 9.87
CA LEU A 42 10.74 10.85 11.05
C LEU A 42 11.67 12.03 11.39
N ARG A 43 12.40 12.53 10.39
CA ARG A 43 13.35 13.66 10.53
C ARG A 43 12.62 14.91 11.02
N ASP A 44 11.47 15.23 10.43
CA ASP A 44 10.65 16.42 10.77
C ASP A 44 10.07 16.28 12.19
N SER A 45 9.87 15.04 12.66
CA SER A 45 9.35 14.72 14.02
C SER A 45 10.49 14.67 15.04
N GLY A 46 11.72 14.98 14.61
CA GLY A 46 12.90 15.11 15.50
C GLY A 46 13.57 13.76 15.79
N VAL A 47 13.15 12.69 15.11
CA VAL A 47 13.75 11.33 15.27
C VAL A 47 15.09 11.30 14.51
N ALA A 48 16.15 10.78 15.14
CA ALA A 48 17.45 10.52 14.51
C ALA A 48 17.29 9.36 13.52
N VAL A 49 17.37 9.63 12.22
CA VAL A 49 17.13 8.63 11.13
C VAL A 49 18.38 8.48 10.27
N ARG A 50 18.79 7.23 10.02
CA ARG A 50 19.81 6.83 9.02
C ARG A 50 19.12 6.18 7.83
N VAL A 51 19.70 6.28 6.63
CA VAL A 51 19.19 5.63 5.39
C VAL A 51 20.19 4.55 4.96
N GLY A 52 19.75 3.29 4.93
CA GLY A 52 20.48 2.16 4.32
C GLY A 52 19.97 1.89 2.91
N ASN A 53 20.86 1.87 1.92
CA ASN A 53 20.48 1.66 0.49
C ASN A 53 21.68 1.13 -0.30
N ILE A 54 21.40 0.44 -1.41
CA ILE A 54 22.41 -0.11 -2.36
C ILE A 54 22.94 1.02 -3.23
N ASP A 55 24.06 0.77 -3.92
CA ASP A 55 24.78 1.73 -4.80
C ASP A 55 23.95 1.98 -6.07
N ASP A 56 23.06 2.98 -6.04
CA ASP A 56 22.16 3.32 -7.18
C ASP A 56 21.74 4.80 -7.10
N ARG A 57 20.81 5.21 -7.97
CA ARG A 57 20.27 6.60 -8.05
C ARG A 57 19.63 7.00 -6.71
N TYR A 58 18.85 6.09 -6.11
CA TYR A 58 18.05 6.32 -4.87
C TYR A 58 18.98 6.72 -3.71
N PHE A 59 20.16 6.09 -3.63
CA PHE A 59 21.21 6.38 -2.62
C PHE A 59 21.68 7.82 -2.77
N GLU A 60 21.97 8.25 -4.00
CA GLU A 60 22.47 9.62 -4.34
C GLU A 60 21.43 10.66 -3.91
N LEU A 61 20.14 10.37 -4.07
CA LEU A 61 19.03 11.29 -3.71
C LEU A 61 19.04 11.54 -2.20
N ALA A 62 19.11 10.47 -1.40
CA ALA A 62 19.12 10.50 0.08
C ALA A 62 20.28 11.39 0.56
N ARG A 63 21.49 11.18 0.04
CA ARG A 63 22.71 11.95 0.40
C ARG A 63 22.47 13.42 0.07
N ALA A 64 21.92 13.71 -1.12
CA ALA A 64 21.69 15.06 -1.67
C ALA A 64 20.62 15.80 -0.85
N GLU A 65 19.75 15.08 -0.15
CA GLU A 65 18.65 15.64 0.68
C GLU A 65 19.05 15.66 2.16
N GLY A 66 20.32 15.38 2.48
CA GLY A 66 20.94 15.66 3.79
C GLY A 66 20.98 14.45 4.72
N HIS A 67 20.36 13.33 4.35
CA HIS A 67 20.23 12.12 5.20
C HIS A 67 21.60 11.46 5.40
N ARG A 68 21.82 10.85 6.57
CA ARG A 68 23.03 10.07 6.92
C ARG A 68 22.89 8.69 6.24
N VAL A 69 23.47 8.55 5.04
CA VAL A 69 23.19 7.42 4.11
C VAL A 69 24.43 6.52 3.99
N THR A 70 24.25 5.21 4.11
CA THR A 70 25.29 4.16 3.94
C THR A 70 24.66 2.92 3.29
N ASN A 71 25.47 1.89 3.02
CA ASN A 71 24.99 0.54 2.62
C ASN A 71 24.08 -0.01 3.72
N ILE A 72 23.20 -0.95 3.37
CA ILE A 72 22.14 -1.49 4.29
C ILE A 72 22.82 -1.99 5.57
N ALA A 73 23.81 -2.89 5.44
CA ALA A 73 24.50 -3.58 6.55
C ALA A 73 25.00 -2.58 7.59
N GLU A 74 25.65 -1.50 7.16
CA GLU A 74 26.18 -0.41 8.03
C GLU A 74 25.03 0.25 8.81
N ALA A 75 23.92 0.53 8.12
CA ALA A 75 22.73 1.24 8.67
C ALA A 75 22.09 0.40 9.78
N VAL A 76 22.03 -0.92 9.61
CA VAL A 76 21.40 -1.87 10.58
C VAL A 76 22.27 -1.98 11.84
N ALA A 77 23.59 -2.06 11.65
CA ALA A 77 24.61 -2.13 12.72
C ALA A 77 24.51 -0.89 13.63
N HIS A 78 24.17 0.27 13.06
CA HIS A 78 24.14 1.60 13.74
C HIS A 78 22.69 2.03 14.03
N ALA A 79 21.79 1.08 14.26
CA ALA A 79 20.34 1.34 14.40
C ALA A 79 19.72 0.48 15.50
N ASP A 80 18.66 1.00 16.13
CA ASP A 80 17.88 0.36 17.23
C ASP A 80 16.54 -0.11 16.68
N ILE A 81 15.92 0.67 15.78
CA ILE A 81 14.70 0.28 15.02
C ILE A 81 15.04 0.31 13.52
N VAL A 82 14.78 -0.78 12.80
CA VAL A 82 15.04 -0.91 11.33
C VAL A 82 13.70 -0.99 10.61
N LEU A 83 13.47 -0.09 9.63
CA LEU A 83 12.28 -0.08 8.75
C LEU A 83 12.68 -0.61 7.36
N LEU A 84 12.22 -1.81 7.01
CA LEU A 84 12.52 -2.49 5.72
C LEU A 84 11.48 -2.06 4.69
N LEU A 85 11.75 -0.98 3.95
CA LEU A 85 10.81 -0.33 2.98
C LEU A 85 11.43 -0.40 1.57
N ILE A 86 11.72 -1.62 1.11
CA ILE A 86 12.13 -1.96 -0.29
C ILE A 86 11.14 -2.99 -0.82
N PRO A 87 11.16 -3.34 -2.13
CA PRO A 87 10.25 -4.34 -2.67
C PRO A 87 10.42 -5.72 -2.02
N ASP A 88 9.33 -6.47 -1.88
CA ASP A 88 9.25 -7.78 -1.18
C ASP A 88 10.18 -8.79 -1.86
N GLU A 89 10.46 -8.61 -3.16
CA GLU A 89 11.38 -9.46 -3.97
C GLU A 89 12.79 -9.44 -3.39
N ALA A 90 13.18 -8.37 -2.68
CA ALA A 90 14.55 -8.11 -2.19
C ALA A 90 14.70 -8.48 -0.70
N HIS A 91 13.58 -8.64 0.02
CA HIS A 91 13.54 -8.83 1.50
C HIS A 91 14.38 -10.05 1.91
N GLY A 92 14.01 -11.24 1.43
CA GLY A 92 14.67 -12.52 1.76
C GLY A 92 16.19 -12.41 1.74
N ALA A 93 16.74 -11.88 0.65
CA ALA A 93 18.20 -11.76 0.38
C ALA A 93 18.82 -10.75 1.35
N VAL A 94 18.27 -9.54 1.40
CA VAL A 94 18.71 -8.42 2.29
C VAL A 94 18.63 -8.88 3.75
N PHE A 95 17.52 -9.52 4.13
CA PHE A 95 17.28 -10.05 5.50
C PHE A 95 18.43 -10.97 5.91
N ASP A 96 18.70 -12.01 5.10
CA ASP A 96 19.67 -13.09 5.39
C ASP A 96 21.10 -12.51 5.45
N VAL A 97 21.46 -11.63 4.51
CA VAL A 97 22.86 -11.13 4.32
C VAL A 97 23.11 -9.90 5.20
N ASP A 98 22.21 -8.90 5.16
CA ASP A 98 22.44 -7.56 5.77
C ASP A 98 21.84 -7.49 7.18
N ILE A 99 20.54 -7.82 7.32
CA ILE A 99 19.74 -7.53 8.54
C ILE A 99 20.11 -8.52 9.65
N ALA A 100 19.77 -9.80 9.50
CA ALA A 100 19.86 -10.84 10.55
C ALA A 100 21.26 -10.88 11.16
N PRO A 101 22.35 -10.85 10.35
CA PRO A 101 23.71 -10.84 10.90
C PRO A 101 24.11 -9.60 11.71
N ASN A 102 23.52 -8.43 11.44
CA ASN A 102 23.97 -7.12 11.98
C ASN A 102 22.94 -6.51 12.95
N LEU A 103 21.75 -7.09 13.07
CA LEU A 103 20.64 -6.50 13.88
C LEU A 103 21.03 -6.50 15.36
N ARG A 104 21.31 -5.31 15.91
CA ARG A 104 21.73 -5.09 17.32
C ARG A 104 20.82 -5.87 18.28
N ASP A 105 21.36 -6.33 19.41
CA ASP A 105 20.63 -7.07 20.46
C ASP A 105 19.51 -6.19 21.02
N GLY A 106 18.27 -6.68 20.99
CA GLY A 106 17.08 -5.99 21.52
C GLY A 106 16.47 -5.00 20.55
N ALA A 107 16.95 -4.97 19.29
CA ALA A 107 16.50 -4.04 18.23
C ALA A 107 15.18 -4.53 17.63
N LEU A 108 14.53 -3.68 16.83
CA LEU A 108 13.18 -3.90 16.24
C LEU A 108 13.27 -3.86 14.71
N LEU A 109 12.67 -4.84 14.04
CA LEU A 109 12.51 -4.88 12.56
C LEU A 109 11.02 -4.70 12.22
N CYS A 110 10.70 -3.79 11.31
CA CYS A 110 9.32 -3.51 10.82
C CYS A 110 9.25 -3.64 9.30
N VAL A 111 8.20 -4.31 8.81
CA VAL A 111 7.79 -4.33 7.37
C VAL A 111 6.48 -3.54 7.25
N ALA A 112 6.12 -3.11 6.04
CA ALA A 112 4.97 -2.21 5.76
C ALA A 112 3.78 -2.99 5.19
N HIS A 113 3.85 -4.33 5.16
CA HIS A 113 2.71 -5.25 4.95
C HIS A 113 3.17 -6.69 5.15
N GLY A 114 2.23 -7.64 5.17
CA GLY A 114 2.46 -9.03 5.62
C GLY A 114 3.00 -9.95 4.52
N HIS A 115 3.05 -9.49 3.27
CA HIS A 115 3.52 -10.27 2.09
C HIS A 115 4.81 -11.01 2.45
N SER A 116 5.80 -10.28 2.95
CA SER A 116 7.18 -10.76 3.25
C SER A 116 7.18 -11.76 4.42
N LEU A 117 6.27 -11.58 5.39
CA LEU A 117 6.19 -12.43 6.61
C LEU A 117 5.52 -13.76 6.28
N VAL A 118 4.41 -13.73 5.52
CA VAL A 118 3.66 -14.93 5.06
C VAL A 118 4.59 -15.79 4.19
N GLN A 119 5.41 -15.15 3.34
CA GLN A 119 6.36 -15.82 2.41
C GLN A 119 7.50 -16.48 3.19
N GLY A 120 7.76 -16.03 4.43
CA GLY A 120 8.83 -16.55 5.30
C GLY A 120 10.18 -15.92 5.00
N ASP A 121 10.20 -14.86 4.18
CA ASP A 121 11.44 -14.14 3.76
C ASP A 121 11.99 -13.34 4.94
N VAL A 122 11.10 -12.81 5.78
CA VAL A 122 11.42 -12.14 7.07
C VAL A 122 10.85 -13.01 8.20
N ARG A 123 11.68 -13.31 9.21
CA ARG A 123 11.36 -14.28 10.30
C ARG A 123 11.77 -13.70 11.65
N PRO A 124 11.12 -14.13 12.76
CA PRO A 124 11.59 -13.83 14.11
C PRO A 124 13.07 -14.21 14.35
N LEU A 125 13.77 -13.40 15.14
CA LEU A 125 15.18 -13.65 15.58
C LEU A 125 15.21 -13.68 17.10
N PRO A 126 15.85 -14.70 17.73
CA PRO A 126 16.02 -14.72 19.19
C PRO A 126 16.68 -13.43 19.69
N GLY A 127 16.00 -12.69 20.57
CA GLY A 127 16.55 -11.51 21.27
C GLY A 127 16.21 -10.19 20.59
N ARG A 128 15.45 -10.23 19.48
CA ARG A 128 15.04 -9.02 18.70
C ARG A 128 13.53 -9.04 18.48
N ASP A 129 12.94 -7.85 18.29
CA ASP A 129 11.49 -7.65 18.06
C ASP A 129 11.21 -7.60 16.56
N LEU A 130 10.02 -8.05 16.15
CA LEU A 130 9.54 -8.05 14.74
C LEU A 130 8.06 -7.62 14.73
N ALA A 131 7.70 -6.68 13.84
CA ALA A 131 6.32 -6.12 13.74
C ALA A 131 6.00 -5.78 12.28
N MET A 132 4.70 -5.68 11.97
CA MET A 132 4.16 -5.02 10.76
C MET A 132 3.59 -3.66 11.18
N LEU A 133 3.92 -2.60 10.44
CA LEU A 133 3.26 -1.27 10.53
C LEU A 133 2.92 -0.81 9.10
N ALA A 134 1.71 -1.11 8.65
CA ALA A 134 1.27 -1.02 7.23
C ALA A 134 0.33 0.17 7.05
N PRO A 135 0.80 1.33 6.53
CA PRO A 135 -0.11 2.40 6.10
C PRO A 135 -1.09 1.88 5.05
N ARG A 136 -2.29 2.47 4.99
CA ARG A 136 -3.38 2.06 4.06
C ARG A 136 -3.33 2.93 2.80
N MET A 137 -2.44 3.94 2.78
CA MET A 137 -2.12 4.76 1.58
C MET A 137 -0.64 4.53 1.22
N TYR A 138 -0.38 4.11 -0.02
CA TYR A 138 0.97 3.73 -0.52
C TYR A 138 1.73 4.99 -0.94
N GLY A 139 2.89 5.23 -0.32
CA GLY A 139 3.92 6.15 -0.82
C GLY A 139 3.65 7.61 -0.47
N ASP A 140 3.50 8.45 -1.49
CA ASP A 140 3.64 9.93 -1.42
C ASP A 140 2.59 10.56 -0.51
N PRO A 141 1.31 10.10 -0.53
CA PRO A 141 0.29 10.65 0.36
C PRO A 141 0.75 10.74 1.83
N ILE A 142 1.46 9.72 2.31
CA ILE A 142 2.02 9.64 3.69
C ILE A 142 2.78 10.93 3.99
N ARG A 143 3.55 11.45 3.02
CA ARG A 143 4.32 12.71 3.14
C ARG A 143 3.35 13.90 3.14
N ARG A 144 2.40 13.93 2.19
CA ARG A 144 1.39 15.01 2.03
C ARG A 144 0.57 15.15 3.33
N TYR A 145 -0.18 14.10 3.68
CA TYR A 145 -1.05 14.04 4.88
C TYR A 145 -0.31 14.62 6.09
N TYR A 146 0.94 14.20 6.29
CA TYR A 146 1.81 14.59 7.43
C TYR A 146 2.01 16.12 7.43
N LEU A 147 2.49 16.68 6.32
CA LEU A 147 2.78 18.14 6.15
C LEU A 147 1.48 18.95 6.24
N ALA A 148 0.34 18.32 5.93
CA ALA A 148 -1.02 18.92 6.00
C ALA A 148 -1.64 18.74 7.40
N GLY A 149 -0.81 18.40 8.40
CA GLY A 149 -1.23 18.27 9.81
C GLY A 149 -2.00 16.99 10.10
N GLN A 150 -2.21 16.16 9.07
CA GLN A 150 -3.00 14.88 9.14
C GLN A 150 -2.02 13.69 9.10
N GLY A 151 -2.53 12.48 8.87
CA GLY A 151 -1.73 11.27 8.67
C GLY A 151 -2.55 10.13 8.07
N ALA A 152 -1.87 9.10 7.56
CA ALA A 152 -2.49 7.91 6.91
C ALA A 152 -2.98 6.94 7.98
N PRO A 153 -4.17 6.31 7.82
CA PRO A 153 -4.55 5.19 8.67
C PRO A 153 -3.57 4.03 8.43
N ALA A 154 -3.28 3.23 9.46
CA ALA A 154 -2.32 2.11 9.40
C ALA A 154 -2.82 0.93 10.24
N TYR A 155 -2.47 -0.30 9.83
CA TYR A 155 -2.59 -1.52 10.67
C TYR A 155 -1.20 -1.84 11.25
N PHE A 156 -1.17 -2.51 12.40
CA PHE A 156 0.07 -3.02 13.04
C PHE A 156 -0.19 -4.42 13.60
N ASP A 157 0.87 -5.22 13.66
CA ASP A 157 0.89 -6.57 14.30
C ASP A 157 2.26 -6.78 14.94
N ILE A 158 2.30 -7.11 16.22
CA ILE A 158 3.54 -7.54 16.94
C ILE A 158 3.72 -9.04 16.68
N VAL A 159 4.72 -9.40 15.86
CA VAL A 159 5.00 -10.79 15.41
C VAL A 159 5.82 -11.49 16.50
N ALA A 160 6.92 -10.86 16.92
CA ALA A 160 7.80 -11.30 18.03
C ALA A 160 8.04 -10.12 18.99
N ASP A 161 7.60 -10.26 20.24
CA ASP A 161 7.86 -9.30 21.34
C ASP A 161 8.82 -9.95 22.34
N HIS A 162 10.09 -10.08 21.97
CA HIS A 162 11.16 -10.72 22.79
C HIS A 162 11.71 -9.74 23.82
N THR A 163 11.46 -8.44 23.65
CA THR A 163 11.89 -7.35 24.56
C THR A 163 10.81 -7.04 25.59
N GLY A 164 9.54 -7.06 25.18
CA GLY A 164 8.39 -6.56 25.96
C GLY A 164 8.20 -5.07 25.77
N ARG A 165 8.90 -4.47 24.81
CA ARG A 165 8.91 -3.01 24.52
C ARG A 165 8.44 -2.73 23.07
N ALA A 166 8.17 -3.77 22.28
CA ALA A 166 7.87 -3.67 20.82
C ALA A 166 6.72 -2.68 20.58
N ARG A 167 5.59 -2.88 21.27
CA ARG A 167 4.31 -2.16 21.02
C ARG A 167 4.50 -0.65 21.11
N ASP A 168 5.18 -0.17 22.16
CA ASP A 168 5.37 1.28 22.44
C ASP A 168 6.30 1.88 21.36
N ARG A 169 7.34 1.14 20.97
CA ARG A 169 8.33 1.57 19.94
C ARG A 169 7.67 1.59 18.56
N VAL A 170 6.92 0.54 18.22
CA VAL A 170 6.13 0.44 16.95
C VAL A 170 5.21 1.67 16.84
N LEU A 171 4.47 1.98 17.90
CA LEU A 171 3.47 3.09 17.94
C LEU A 171 4.17 4.44 18.02
N ALA A 172 5.39 4.50 18.56
CA ALA A 172 6.25 5.70 18.59
C ALA A 172 6.64 6.08 17.16
N ILE A 173 7.03 5.08 16.36
CA ILE A 173 7.32 5.23 14.89
C ILE A 173 6.02 5.66 14.20
N ALA A 174 4.92 4.92 14.43
CA ALA A 174 3.58 5.18 13.87
C ALA A 174 3.20 6.65 14.10
N ARG A 175 3.49 7.17 15.30
CA ARG A 175 3.19 8.57 15.70
C ARG A 175 4.14 9.54 14.99
N ALA A 176 5.45 9.29 15.06
CA ALA A 176 6.51 10.09 14.41
C ALA A 176 6.20 10.28 12.92
N VAL A 177 5.63 9.26 12.28
CA VAL A 177 5.33 9.24 10.81
C VAL A 177 3.97 9.90 10.55
N GLY A 178 3.05 9.85 11.52
CA GLY A 178 1.77 10.59 11.49
C GLY A 178 0.55 9.67 11.53
N PHE A 179 0.74 8.34 11.47
CA PHE A 179 -0.34 7.33 11.31
C PHE A 179 -1.33 7.40 12.49
N THR A 180 -0.86 7.75 13.69
CA THR A 180 -1.67 7.79 14.94
C THR A 180 -2.74 8.89 14.85
N ARG A 181 -2.49 9.96 14.09
CA ARG A 181 -3.45 11.08 13.92
C ARG A 181 -4.79 10.54 13.40
N ALA A 182 -4.77 9.85 12.26
CA ALA A 182 -5.92 9.11 11.70
C ALA A 182 -6.35 8.03 12.69
N GLY A 183 -5.41 7.16 13.08
CA GLY A 183 -5.64 6.01 13.97
C GLY A 183 -4.91 4.77 13.46
N VAL A 184 -4.46 3.90 14.37
CA VAL A 184 -3.65 2.68 14.03
C VAL A 184 -4.31 1.47 14.71
N MET A 185 -4.95 0.60 13.91
CA MET A 185 -5.73 -0.59 14.40
C MET A 185 -4.83 -1.83 14.39
N ALA A 186 -5.07 -2.76 15.32
CA ALA A 186 -4.43 -4.08 15.39
C ALA A 186 -5.09 -5.01 14.37
N LEU A 187 -4.28 -5.73 13.58
CA LEU A 187 -4.73 -6.75 12.59
C LEU A 187 -3.54 -7.63 12.19
N GLY A 188 -3.73 -8.95 12.19
CA GLY A 188 -2.70 -9.95 11.83
C GLY A 188 -2.13 -9.68 10.45
N TYR A 189 -0.81 -9.80 10.30
CA TYR A 189 -0.07 -9.55 9.03
C TYR A 189 -0.67 -10.44 7.92
N ARG A 190 -1.07 -11.66 8.29
CA ARG A 190 -1.62 -12.69 7.36
C ARG A 190 -2.92 -12.18 6.72
N GLN A 191 -3.84 -11.65 7.52
CA GLN A 191 -5.14 -11.11 7.04
C GLN A 191 -4.89 -9.88 6.16
N GLU A 192 -4.02 -8.97 6.60
CA GLU A 192 -3.64 -7.75 5.86
C GLU A 192 -3.19 -8.14 4.45
N THR A 193 -2.35 -9.17 4.33
CA THR A 193 -1.81 -9.71 3.05
C THR A 193 -2.96 -10.14 2.15
N PHE A 194 -3.97 -10.81 2.72
CA PHE A 194 -5.12 -11.42 2.00
C PHE A 194 -6.08 -10.32 1.53
N LEU A 195 -6.20 -9.23 2.29
CA LEU A 195 -6.99 -8.02 1.92
C LEU A 195 -6.30 -7.33 0.74
N ASP A 196 -4.98 -7.14 0.81
CA ASP A 196 -4.16 -6.53 -0.27
C ASP A 196 -4.39 -7.29 -1.57
N LEU A 197 -4.17 -8.61 -1.53
CA LEU A 197 -4.27 -9.52 -2.71
C LEU A 197 -5.71 -9.53 -3.24
N PHE A 198 -6.71 -9.50 -2.36
CA PHE A 198 -8.15 -9.51 -2.71
C PHE A 198 -8.52 -8.23 -3.47
N GLN A 199 -8.03 -7.08 -3.01
CA GLN A 199 -8.23 -5.75 -3.63
C GLN A 199 -7.62 -5.76 -5.04
N GLU A 200 -6.50 -6.47 -5.23
CA GLU A 200 -5.72 -6.52 -6.49
C GLU A 200 -6.34 -7.53 -7.47
N GLN A 201 -7.02 -8.56 -6.98
CA GLN A 201 -7.39 -9.78 -7.78
C GLN A 201 -8.89 -9.82 -8.12
N PHE A 202 -9.76 -9.32 -7.24
CA PHE A 202 -11.22 -9.25 -7.49
C PHE A 202 -11.64 -7.82 -7.82
N LEU A 203 -11.47 -6.91 -6.84
CA LEU A 203 -12.06 -5.55 -6.87
C LEU A 203 -11.47 -4.75 -8.04
N ALA A 204 -10.14 -4.62 -8.09
CA ALA A 204 -9.42 -3.78 -9.08
C ALA A 204 -9.81 -4.20 -10.51
N PRO A 205 -9.64 -5.47 -10.92
CA PRO A 205 -10.07 -5.91 -12.25
C PRO A 205 -11.55 -5.65 -12.54
N ALA A 206 -12.41 -5.89 -11.54
CA ALA A 206 -13.88 -5.85 -11.67
C ALA A 206 -14.36 -4.40 -11.90
N LEU A 207 -13.71 -3.41 -11.28
CA LEU A 207 -13.97 -1.96 -11.50
C LEU A 207 -13.69 -1.61 -12.97
N VAL A 208 -12.53 -2.01 -13.49
CA VAL A 208 -12.03 -1.65 -14.85
C VAL A 208 -12.88 -2.39 -15.89
N ASP A 209 -13.18 -3.67 -15.66
CA ASP A 209 -14.09 -4.49 -16.50
C ASP A 209 -15.44 -3.77 -16.63
N LEU A 210 -15.97 -3.29 -15.50
CA LEU A 210 -17.27 -2.57 -15.41
C LEU A 210 -17.18 -1.25 -16.18
N VAL A 211 -16.15 -0.44 -15.86
CA VAL A 211 -15.80 0.83 -16.57
C VAL A 211 -15.74 0.53 -18.08
N GLU A 212 -15.04 -0.53 -18.48
CA GLU A 212 -14.88 -0.93 -19.91
C GLU A 212 -16.24 -1.28 -20.50
N THR A 213 -17.06 -2.09 -19.80
CA THR A 213 -18.41 -2.53 -20.25
C THR A 213 -19.26 -1.30 -20.60
N GLY A 214 -19.27 -0.29 -19.74
CA GLY A 214 -19.94 1.00 -19.96
C GLY A 214 -19.45 1.68 -21.23
N PHE A 215 -18.13 1.71 -21.44
CA PHE A 215 -17.47 2.32 -22.62
C PHE A 215 -17.92 1.61 -23.90
N GLN A 216 -17.81 0.28 -23.94
CA GLN A 216 -18.09 -0.56 -25.13
C GLN A 216 -19.55 -0.37 -25.55
N VAL A 217 -20.48 -0.45 -24.59
CA VAL A 217 -21.95 -0.32 -24.80
C VAL A 217 -22.26 1.05 -25.40
N LEU A 218 -21.63 2.12 -24.91
CA LEU A 218 -21.81 3.51 -25.41
C LEU A 218 -21.27 3.60 -26.84
N VAL A 219 -20.07 3.08 -27.09
CA VAL A 219 -19.40 3.10 -28.44
C VAL A 219 -20.23 2.26 -29.43
N GLU A 220 -20.69 1.08 -28.99
CA GLU A 220 -21.51 0.15 -29.82
C GLU A 220 -22.86 0.80 -30.16
N ARG A 221 -23.31 1.78 -29.37
CA ARG A 221 -24.58 2.52 -29.57
C ARG A 221 -24.33 3.90 -30.19
N GLY A 222 -23.14 4.11 -30.78
CA GLY A 222 -22.82 5.28 -31.62
C GLY A 222 -22.63 6.56 -30.81
N PHE A 223 -22.16 6.47 -29.56
CA PHE A 223 -21.69 7.62 -28.74
C PHE A 223 -20.24 7.93 -29.13
N ASN A 224 -19.85 9.21 -29.03
CA ASN A 224 -18.47 9.70 -29.29
C ASN A 224 -17.48 8.95 -28.38
N PRO A 225 -16.56 8.13 -28.95
CA PRO A 225 -15.58 7.38 -28.15
C PRO A 225 -14.77 8.20 -27.14
N LYS A 226 -14.27 9.37 -27.53
CA LYS A 226 -13.48 10.28 -26.65
C LYS A 226 -14.34 10.69 -25.46
N ALA A 227 -15.62 11.04 -25.71
CA ALA A 227 -16.60 11.46 -24.69
C ALA A 227 -16.98 10.28 -23.81
N ALA A 228 -17.27 9.13 -24.42
CA ALA A 228 -17.60 7.85 -23.74
C ALA A 228 -16.54 7.58 -22.65
N LEU A 229 -15.27 7.55 -23.05
CA LEU A 229 -14.12 7.27 -22.15
C LEU A 229 -14.03 8.36 -21.07
N LEU A 230 -14.17 9.63 -21.46
CA LEU A 230 -14.07 10.80 -20.54
C LEU A 230 -15.07 10.64 -19.39
N GLU A 231 -16.33 10.32 -19.69
CA GLU A 231 -17.42 10.23 -18.68
C GLU A 231 -17.24 8.98 -17.81
N VAL A 232 -16.75 7.89 -18.40
CA VAL A 232 -16.64 6.56 -17.73
C VAL A 232 -15.56 6.62 -16.64
N TYR A 233 -14.49 7.39 -16.83
CA TYR A 233 -13.38 7.55 -15.85
C TYR A 233 -12.46 8.74 -16.20
N GLY A 234 -12.28 9.03 -17.49
CA GLY A 234 -11.36 10.07 -18.01
C GLY A 234 -11.53 11.41 -17.32
N SER A 235 -12.76 11.80 -16.98
CA SER A 235 -13.11 13.05 -16.25
C SER A 235 -12.33 13.11 -14.93
N GLY A 236 -12.26 11.98 -14.22
CA GLY A 236 -11.85 11.90 -12.80
C GLY A 236 -13.07 12.03 -11.88
N GLU A 237 -14.26 12.19 -12.46
CA GLU A 237 -15.55 12.38 -11.74
C GLU A 237 -15.88 11.10 -10.98
N MET A 238 -15.78 9.94 -11.65
CA MET A 238 -15.93 8.59 -11.04
C MET A 238 -14.84 8.40 -9.97
N GLY A 239 -13.61 8.84 -10.27
CA GLY A 239 -12.49 8.86 -9.32
C GLY A 239 -12.82 9.68 -8.08
N LYS A 240 -13.29 10.92 -8.26
CA LYS A 240 -13.59 11.89 -7.16
C LYS A 240 -14.70 11.32 -6.27
N MET A 241 -15.77 10.79 -6.88
CA MET A 241 -16.93 10.19 -6.15
C MET A 241 -16.42 9.15 -5.16
N MET A 242 -15.51 8.27 -5.60
CA MET A 242 -14.97 7.14 -4.80
C MET A 242 -14.01 7.65 -3.72
N LEU A 243 -13.40 8.82 -3.93
CA LEU A 243 -12.53 9.50 -2.91
C LEU A 243 -13.41 10.22 -1.89
N ASP A 244 -14.41 10.98 -2.36
CA ASP A 244 -15.43 11.66 -1.52
C ASP A 244 -16.22 10.60 -0.75
N GLY A 245 -16.51 9.45 -1.39
CA GLY A 245 -17.21 8.30 -0.80
C GLY A 245 -16.50 7.76 0.44
N ALA A 246 -15.16 7.75 0.42
CA ALA A 246 -14.30 7.29 1.53
C ALA A 246 -14.48 8.18 2.76
N ASP A 247 -14.88 9.44 2.56
CA ASP A 247 -15.10 10.44 3.64
C ASP A 247 -16.46 10.18 4.30
N ILE A 248 -17.54 10.26 3.52
CA ILE A 248 -18.94 10.39 4.02
C ILE A 248 -19.79 9.16 3.68
N GLY A 249 -19.28 8.25 2.83
CA GLY A 249 -20.03 7.07 2.33
C GLY A 249 -20.47 7.28 0.89
N LEU A 250 -20.53 6.20 0.10
CA LEU A 250 -20.76 6.24 -1.37
C LEU A 250 -22.20 6.65 -1.68
N ASP A 251 -23.18 6.06 -0.99
CA ASP A 251 -24.63 6.41 -1.12
C ASP A 251 -24.84 7.85 -0.62
N GLU A 252 -24.09 8.25 0.40
CA GLU A 252 -24.19 9.57 1.07
C GLU A 252 -23.67 10.67 0.12
N VAL A 253 -22.68 10.36 -0.72
CA VAL A 253 -22.16 11.26 -1.77
C VAL A 253 -23.30 11.62 -2.74
N VAL A 254 -24.06 10.62 -3.18
CA VAL A 254 -25.19 10.79 -4.14
C VAL A 254 -26.28 11.65 -3.49
N ALA A 255 -26.55 11.43 -2.20
CA ALA A 255 -27.62 12.12 -1.42
C ALA A 255 -27.27 13.60 -1.24
N LEU A 256 -26.01 13.92 -0.91
CA LEU A 256 -25.57 15.29 -0.51
C LEU A 256 -25.12 16.11 -1.72
N GLN A 257 -24.48 15.49 -2.71
CA GLN A 257 -23.89 16.19 -3.89
C GLN A 257 -24.81 16.07 -5.11
N GLY A 258 -25.53 14.96 -5.28
CA GLY A 258 -26.32 14.65 -6.47
C GLY A 258 -27.59 15.48 -6.57
N SER A 259 -28.06 15.72 -7.80
CA SER A 259 -29.35 16.39 -8.14
C SER A 259 -30.49 15.39 -7.98
N PRO A 260 -31.77 15.82 -7.99
CA PRO A 260 -32.89 14.90 -7.88
C PRO A 260 -32.90 13.86 -9.02
N THR A 261 -32.76 14.33 -10.26
CA THR A 261 -32.69 13.50 -11.49
C THR A 261 -31.58 12.45 -11.34
N CYS A 262 -30.46 12.84 -10.74
CA CYS A 262 -29.28 11.95 -10.46
C CYS A 262 -29.64 10.92 -9.38
N GLN A 263 -30.15 11.40 -8.24
CA GLN A 263 -30.50 10.55 -7.06
C GLN A 263 -31.53 9.49 -7.47
N VAL A 264 -32.66 9.93 -8.04
CA VAL A 264 -33.77 9.06 -8.54
C VAL A 264 -33.17 7.95 -9.42
N GLY A 265 -32.34 8.31 -10.40
CA GLY A 265 -31.75 7.38 -11.39
C GLY A 265 -30.79 6.41 -10.74
N TYR A 266 -29.92 6.89 -9.84
CA TYR A 266 -28.94 6.09 -9.06
C TYR A 266 -29.67 5.00 -8.27
N HIS A 267 -30.72 5.39 -7.55
CA HIS A 267 -31.45 4.53 -6.58
C HIS A 267 -32.34 3.52 -7.31
N ARG A 268 -32.65 3.76 -8.58
CA ARG A 268 -33.47 2.85 -9.44
C ARG A 268 -32.71 1.54 -9.68
N TRP A 269 -31.36 1.59 -9.72
CA TRP A 269 -30.50 0.45 -10.12
C TRP A 269 -29.55 0.03 -9.00
N ARG A 270 -29.43 0.80 -7.92
CA ARG A 270 -28.59 0.46 -6.74
C ARG A 270 -29.07 -0.87 -6.15
N GLY A 271 -28.15 -1.84 -6.02
CA GLY A 271 -28.40 -3.15 -5.40
C GLY A 271 -29.00 -4.17 -6.36
N ARG A 272 -29.06 -3.86 -7.67
CA ARG A 272 -29.73 -4.72 -8.68
C ARG A 272 -28.95 -4.77 -10.01
N THR A 273 -27.67 -4.38 -10.04
CA THR A 273 -26.85 -4.34 -11.28
C THR A 273 -26.11 -5.66 -11.50
N LEU A 274 -25.92 -6.46 -10.44
CA LEU A 274 -25.03 -7.66 -10.45
C LEU A 274 -25.83 -8.93 -10.23
N PRO A 275 -25.63 -9.98 -11.06
CA PRO A 275 -26.16 -11.31 -10.77
C PRO A 275 -25.27 -12.00 -9.72
N THR A 276 -25.79 -13.05 -9.07
CA THR A 276 -25.10 -13.81 -7.98
C THR A 276 -23.69 -14.21 -8.43
N ALA A 277 -23.51 -14.54 -9.72
CA ALA A 277 -22.24 -14.98 -10.36
C ALA A 277 -21.06 -14.16 -9.84
N VAL A 278 -21.26 -12.84 -9.62
CA VAL A 278 -20.21 -11.89 -9.13
C VAL A 278 -19.77 -12.32 -7.73
N ARG A 279 -20.72 -12.43 -6.79
CA ARG A 279 -20.48 -12.85 -5.38
C ARG A 279 -19.67 -14.15 -5.35
N GLU A 280 -20.03 -15.12 -6.20
CA GLU A 280 -19.41 -16.47 -6.27
C GLU A 280 -17.93 -16.36 -6.64
N LEU A 281 -17.59 -15.43 -7.54
CA LEU A 281 -16.18 -15.20 -7.99
C LEU A 281 -15.37 -14.58 -6.85
N ALA A 282 -15.94 -13.62 -6.12
CA ALA A 282 -15.32 -12.97 -4.95
C ALA A 282 -14.90 -14.03 -3.93
N ALA A 283 -15.68 -15.11 -3.79
CA ALA A 283 -15.38 -16.28 -2.93
C ALA A 283 -14.35 -17.18 -3.62
N ARG A 284 -14.49 -17.38 -4.93
CA ARG A 284 -13.55 -18.17 -5.78
C ARG A 284 -12.15 -17.56 -5.71
N VAL A 285 -12.06 -16.22 -5.66
CA VAL A 285 -10.78 -15.45 -5.58
C VAL A 285 -10.16 -15.65 -4.20
N LEU A 286 -10.98 -15.59 -3.13
CA LEU A 286 -10.53 -15.81 -1.73
C LEU A 286 -10.02 -17.24 -1.56
N ASP A 287 -10.76 -18.24 -2.07
CA ASP A 287 -10.36 -19.66 -2.10
C ASP A 287 -8.94 -19.76 -2.66
N GLN A 288 -8.67 -19.08 -3.77
CA GLN A 288 -7.38 -19.11 -4.51
C GLN A 288 -6.25 -18.50 -3.67
N ILE A 289 -6.58 -17.62 -2.72
CA ILE A 289 -5.58 -16.91 -1.86
C ILE A 289 -5.36 -17.69 -0.56
N GLU A 290 -6.44 -18.16 0.08
CA GLU A 290 -6.39 -18.94 1.34
C GLU A 290 -5.95 -20.38 1.03
N GLY A 291 -6.63 -21.04 0.10
CA GLY A 291 -6.37 -22.42 -0.34
C GLY A 291 -4.92 -22.63 -0.77
N GLY A 292 -4.33 -21.63 -1.46
CA GLY A 292 -2.93 -21.63 -1.91
C GLY A 292 -2.77 -21.73 -3.42
N ASP A 293 -3.89 -21.69 -4.17
CA ASP A 293 -3.92 -21.85 -5.65
C ASP A 293 -3.26 -20.64 -6.33
N PHE A 294 -3.32 -19.46 -5.72
CA PHE A 294 -2.66 -18.21 -6.24
C PHE A 294 -1.17 -18.27 -5.98
N SER A 295 -0.77 -18.59 -4.74
CA SER A 295 0.64 -18.79 -4.31
C SER A 295 1.37 -19.66 -5.34
N ALA A 296 0.68 -20.67 -5.88
CA ALA A 296 1.14 -21.56 -6.98
C ALA A 296 1.22 -20.78 -8.29
N TYR A 297 0.12 -20.13 -8.69
CA TYR A 297 -0.01 -19.36 -9.95
C TYR A 297 1.17 -18.38 -10.07
N LEU A 298 1.49 -17.68 -8.99
CA LEU A 298 2.51 -16.59 -8.95
C LEU A 298 3.90 -17.17 -9.22
N LYS A 299 4.30 -18.21 -8.47
CA LYS A 299 5.62 -18.90 -8.59
C LYS A 299 5.88 -19.26 -10.06
N GLU A 300 4.83 -19.74 -10.76
CA GLU A 300 4.90 -20.19 -12.18
C GLU A 300 5.25 -19.01 -13.09
N GLN A 301 4.64 -17.84 -12.87
CA GLN A 301 4.87 -16.60 -13.66
C GLN A 301 6.33 -16.16 -13.48
N ALA A 302 6.83 -16.19 -12.24
CA ALA A 302 8.18 -15.74 -11.84
C ALA A 302 9.26 -16.62 -12.48
N SER A 303 8.95 -17.90 -12.75
CA SER A 303 9.87 -18.89 -13.39
C SER A 303 10.05 -18.57 -14.88
N ASN A 304 9.04 -17.99 -15.52
CA ASN A 304 9.09 -17.50 -16.93
C ASN A 304 9.86 -16.17 -17.00
N ASP A 305 10.18 -15.58 -15.84
CA ASP A 305 10.75 -14.22 -15.70
C ASP A 305 9.63 -13.18 -15.89
N TYR A 306 8.38 -13.58 -15.57
CA TYR A 306 7.14 -12.78 -15.78
C TYR A 306 6.93 -12.53 -17.28
N ALA A 307 7.16 -13.55 -18.11
CA ALA A 307 7.05 -13.47 -19.60
C ALA A 307 5.59 -13.25 -19.99
N SER A 308 4.69 -14.11 -19.51
CA SER A 308 3.23 -14.11 -19.82
C SER A 308 2.57 -12.85 -19.26
N LEU A 309 3.14 -12.25 -18.20
CA LEU A 309 2.68 -10.96 -17.62
C LEU A 309 2.89 -9.84 -18.65
N ASP A 310 4.07 -9.80 -19.28
CA ASP A 310 4.47 -8.77 -20.26
C ASP A 310 3.60 -8.87 -21.51
N ASP A 311 3.04 -10.06 -21.79
CA ASP A 311 2.05 -10.29 -22.88
C ASP A 311 0.73 -9.60 -22.52
N ALA A 312 0.25 -9.80 -21.28
CA ALA A 312 -0.99 -9.19 -20.74
C ALA A 312 -0.85 -7.66 -20.73
N ARG A 313 0.32 -7.15 -20.31
CA ARG A 313 0.68 -5.70 -20.35
C ARG A 313 0.38 -5.14 -21.75
N ARG A 314 0.93 -5.79 -22.78
CA ARG A 314 0.89 -5.34 -24.20
C ARG A 314 -0.49 -5.63 -24.80
N ALA A 315 -1.10 -6.75 -24.42
CA ALA A 315 -2.47 -7.16 -24.84
C ALA A 315 -3.49 -6.11 -24.38
N ALA A 316 -3.36 -5.64 -23.14
CA ALA A 316 -4.25 -4.66 -22.49
C ALA A 316 -4.32 -3.37 -23.32
N LEU A 317 -3.17 -2.87 -23.78
CA LEU A 317 -3.04 -1.56 -24.48
C LEU A 317 -3.68 -1.60 -25.87
N LYS A 318 -3.98 -2.80 -26.39
CA LYS A 318 -4.66 -3.00 -27.70
C LYS A 318 -6.18 -2.85 -27.54
N ARG A 319 -6.71 -2.99 -26.32
CA ARG A 319 -8.17 -2.97 -26.02
C ARG A 319 -8.75 -1.60 -26.38
N PRO A 320 -9.94 -1.54 -27.01
CA PRO A 320 -10.59 -0.27 -27.38
C PRO A 320 -10.46 0.86 -26.35
N LEU A 321 -10.61 0.54 -25.06
CA LEU A 321 -10.56 1.52 -23.93
C LEU A 321 -9.19 2.21 -23.91
N ASN A 322 -8.10 1.44 -23.97
CA ASN A 322 -6.71 1.95 -23.89
C ASN A 322 -6.31 2.63 -25.20
N VAL A 323 -6.88 2.19 -26.33
CA VAL A 323 -6.76 2.88 -27.66
C VAL A 323 -7.37 4.28 -27.52
N ALA A 324 -8.62 4.34 -27.04
CA ALA A 324 -9.41 5.58 -26.85
C ALA A 324 -8.67 6.51 -25.88
N HIS A 325 -8.09 5.97 -24.80
CA HIS A 325 -7.38 6.75 -23.75
C HIS A 325 -6.24 7.55 -24.39
N ALA A 326 -5.41 6.87 -25.21
CA ALA A 326 -4.29 7.48 -25.96
C ALA A 326 -4.82 8.62 -26.82
N GLN A 327 -5.94 8.39 -27.52
CA GLN A 327 -6.58 9.36 -28.45
C GLN A 327 -7.06 10.58 -27.64
N VAL A 328 -7.52 10.38 -26.40
CA VAL A 328 -8.03 11.46 -25.51
C VAL A 328 -6.86 12.32 -25.02
N ARG A 329 -5.90 11.72 -24.30
CA ARG A 329 -4.73 12.44 -23.71
C ARG A 329 -4.04 13.30 -24.77
N ALA A 330 -3.84 12.76 -25.98
CA ALA A 330 -3.23 13.45 -27.13
C ALA A 330 -4.04 14.71 -27.47
N ALA A 331 -5.37 14.56 -27.55
CA ALA A 331 -6.32 15.63 -27.93
C ALA A 331 -6.40 16.70 -26.84
N PHE A 332 -6.22 16.32 -25.57
CA PHE A 332 -6.31 17.22 -24.39
C PHE A 332 -4.94 17.29 -23.69
#